data_4FAX
#
_entry.id   4FAX
#
_cell.length_a   89.370
_cell.length_b   95.370
_cell.length_c   224.750
_cell.angle_alpha   90.00
_cell.angle_beta   90.00
_cell.angle_gamma   90.00
#
_symmetry.space_group_name_H-M   'P 21 21 21'
#
loop_
_entity.id
_entity.type
_entity.pdbx_description
1 polymer 'Group IIC intron'
2 non-polymer 'MAGNESIUM ION'
3 non-polymer 'SODIUM ION'
4 non-polymer '4-(2-HYDROXYETHYL)-1-PIPERAZINE ETHANESULFONIC ACID'
5 water water
#
_entity_poly.entity_id   1
_entity_poly.type   'polyribonucleotide'
_entity_poly.pdbx_seq_one_letter_code
;GGGGGUGUGCCCGGCAUGGGUGCAGUCUAUAGGGUGAGAGUCCCGAACUGUGAAGGCAGAAGUAACAGUUAGCCUAACGC
AAGGGUGUCCGUGGCGACAUGGAAUCUGAAGGAAGCGGACGGCAAACCUUCGGUCUGAGGAACACGAACUUCAUAUGAGG
CUAGGUAUCAAUGGAUGAGUUUGCAUAACAAAACAAAGUCCUUUCUGCCAAAGUUGGUACAGAGUAAAUGAAGCAGAUUG
AUGAAGGGAAAGACUGCAUUCUUACCCGGGGAGGUCUGGAAACAGAAGUCAGCAGAAGUCAUAGUACCCUGUUCGCAGGG
GAAGGACGGAACAAGUAUGGCGUUCGCGCCUAAGCUUGAACCGCCGUAUACCGAACGGUACGUACGGUGGUGUG
;
_entity_poly.pdbx_strand_id   A
#